data_3Q64
#
_entry.id   3Q64
#
_cell.length_a   86.378
_cell.length_b   86.378
_cell.length_c   57.690
_cell.angle_alpha   90.00
_cell.angle_beta   90.00
_cell.angle_gamma   120.00
#
_symmetry.space_group_name_H-M   'P 32 2 1'
#
loop_
_entity.id
_entity.type
_entity.pdbx_description
1 polymer 'Mll3774 protein'
2 water water
#
_entity_poly.entity_id   1
_entity_poly.type   'polypeptide(L)'
_entity_poly.pdbx_seq_one_letter_code
;(MSE)TERSVVHSTFIIERLYPAPPSKVFFALGNADAKRRWFTDPDNP(MSE)PGRFE(MSE)DFRVGGKEVNAGGPKDG
PIHVYTATYQDIVPDQRIVYSYD(MSE)LFGETRISVSLATIQLFAEGEGTRLVLTEQGAFLDGHDTPSTREHGTGVLLD
LLDAFLDKTTLEHHHHHH
;
_entity_poly.pdbx_strand_id   A
#
# COMPACT_ATOMS: atom_id res chain seq x y z
N GLU A 3 11.40 15.62 22.05
CA GLU A 3 12.49 14.61 22.16
C GLU A 3 12.47 13.68 20.95
N ARG A 4 13.65 13.49 20.37
CA ARG A 4 13.76 12.77 19.11
C ARG A 4 14.19 11.32 19.28
N SER A 5 13.58 10.45 18.49
CA SER A 5 13.96 9.04 18.46
C SER A 5 13.49 8.45 17.15
N VAL A 6 14.04 7.29 16.80
CA VAL A 6 13.55 6.51 15.65
C VAL A 6 13.49 5.06 16.07
N VAL A 7 12.39 4.40 15.71
CA VAL A 7 12.29 2.96 15.82
C VAL A 7 12.31 2.39 14.40
N HIS A 8 13.24 1.46 14.14
CA HIS A 8 13.32 0.79 12.84
C HIS A 8 12.74 -0.60 12.96
N SER A 9 11.96 -1.01 11.96
CA SER A 9 11.42 -2.35 11.98
C SER A 9 11.14 -2.83 10.57
N THR A 10 11.24 -4.14 10.36
CA THR A 10 10.83 -4.74 9.11
C THR A 10 9.76 -5.77 9.39
N PHE A 11 8.69 -5.72 8.61
CA PHE A 11 7.69 -6.80 8.64
C PHE A 11 7.41 -7.33 7.24
N ILE A 12 6.96 -8.57 7.19
CA ILE A 12 6.60 -9.24 5.93
C ILE A 12 5.17 -9.76 6.07
N ILE A 13 4.33 -9.45 5.08
CA ILE A 13 3.00 -10.05 4.99
C ILE A 13 2.91 -10.79 3.67
N GLU A 14 2.51 -12.06 3.74
CA GLU A 14 2.29 -12.86 2.56
C GLU A 14 0.80 -13.16 2.42
N ARG A 15 0.27 -12.99 1.22
CA ARG A 15 -1.14 -13.30 0.95
C ARG A 15 -1.26 -14.10 -0.34
N LEU A 16 -2.21 -15.01 -0.36
CA LEU A 16 -2.50 -15.79 -1.57
C LEU A 16 -3.80 -15.28 -2.17
N TYR A 17 -3.76 -15.06 -3.48
CA TYR A 17 -4.93 -14.60 -4.23
C TYR A 17 -5.20 -15.58 -5.37
N PRO A 18 -6.49 -15.88 -5.62
CA PRO A 18 -6.79 -16.76 -6.75
C PRO A 18 -6.44 -16.21 -8.13
N ALA A 19 -6.40 -14.88 -8.28
CA ALA A 19 -6.09 -14.26 -9.58
C ALA A 19 -4.60 -14.42 -9.90
N PRO A 20 -4.25 -14.54 -11.18
CA PRO A 20 -2.84 -14.69 -11.54
C PRO A 20 -2.05 -13.36 -11.41
N PRO A 21 -0.71 -13.43 -11.38
CA PRO A 21 0.08 -12.22 -11.12
C PRO A 21 -0.26 -11.00 -11.98
N SER A 22 -0.56 -11.21 -13.27
CA SER A 22 -0.90 -10.08 -14.15
C SER A 22 -2.11 -9.29 -13.64
N LYS A 23 -3.08 -10.00 -13.06
CA LYS A 23 -4.29 -9.36 -12.56
C LYS A 23 -4.04 -8.61 -11.26
N VAL A 24 -3.24 -9.22 -10.40
CA VAL A 24 -2.86 -8.58 -9.14
C VAL A 24 -2.02 -7.32 -9.43
N PHE A 25 -1.09 -7.45 -10.37
CA PHE A 25 -0.25 -6.32 -10.75
C PHE A 25 -1.09 -5.17 -11.32
N PHE A 26 -2.07 -5.51 -12.16
CA PHE A 26 -2.97 -4.50 -12.69
C PHE A 26 -3.70 -3.72 -11.58
N ALA A 27 -4.20 -4.44 -10.57
CA ALA A 27 -4.88 -3.80 -9.43
C ALA A 27 -3.99 -2.84 -8.67
N LEU A 28 -2.69 -3.08 -8.72
CA LEU A 28 -1.72 -2.23 -8.01
C LEU A 28 -1.17 -1.10 -8.88
N GLY A 29 -1.13 -1.34 -10.20
CA GLY A 29 -0.44 -0.44 -11.13
C GLY A 29 -1.30 0.41 -12.03
N ASN A 30 -2.60 0.11 -12.07
CA ASN A 30 -3.53 0.90 -12.88
C ASN A 30 -4.24 1.90 -11.99
N ALA A 31 -4.11 3.19 -12.34
CA ALA A 31 -4.65 4.27 -11.51
C ALA A 31 -6.17 4.21 -11.32
N ASP A 32 -6.91 3.99 -12.40
CA ASP A 32 -8.36 3.85 -12.31
C ASP A 32 -8.77 2.71 -11.38
N ALA A 33 -8.10 1.56 -11.53
CA ALA A 33 -8.39 0.39 -10.69
C ALA A 33 -8.04 0.65 -9.23
N LYS A 34 -6.81 1.11 -8.98
CA LYS A 34 -6.36 1.31 -7.61
C LYS A 34 -7.20 2.37 -6.89
N ARG A 35 -7.66 3.37 -7.62
CA ARG A 35 -8.53 4.40 -7.06
C ARG A 35 -9.81 3.80 -6.47
N ARG A 36 -10.26 2.69 -7.06
CA ARG A 36 -11.51 2.07 -6.64
C ARG A 36 -11.40 1.27 -5.34
N TRP A 37 -10.19 0.87 -4.96
CA TRP A 37 -10.05 0.06 -3.75
C TRP A 37 -9.13 0.61 -2.65
N PHE A 38 -8.10 1.36 -3.05
CA PHE A 38 -7.12 1.84 -2.09
C PHE A 38 -7.64 3.10 -1.43
N THR A 39 -8.39 2.91 -0.37
CA THR A 39 -9.06 4.02 0.28
C THR A 39 -9.27 3.71 1.75
N ASP A 40 -9.59 4.74 2.52
CA ASP A 40 -9.97 4.56 3.90
C ASP A 40 -11.49 4.33 3.92
N PRO A 41 -11.95 3.08 4.20
CA PRO A 41 -13.38 2.75 4.14
C PRO A 41 -14.24 3.62 5.03
N ASP A 42 -13.66 4.06 6.14
CA ASP A 42 -14.37 4.86 7.15
C ASP A 42 -14.42 6.34 6.73
N ASN A 43 -13.58 6.72 5.76
CA ASN A 43 -13.52 8.10 5.30
C ASN A 43 -12.87 8.14 3.91
N PRO A 44 -13.61 7.67 2.87
CA PRO A 44 -12.95 7.52 1.57
C PRO A 44 -12.70 8.85 0.86
N PRO A 46 -11.19 9.17 -2.59
CA PRO A 46 -10.63 8.88 -3.91
C PRO A 46 -10.46 10.13 -4.78
N GLY A 47 -11.22 11.19 -4.48
CA GLY A 47 -11.00 12.46 -5.16
C GLY A 47 -9.60 13.02 -4.99
N ARG A 48 -8.90 12.57 -3.95
CA ARG A 48 -7.54 13.03 -3.63
C ARG A 48 -6.48 12.07 -4.15
N PHE A 49 -6.89 10.90 -4.62
CA PHE A 49 -5.95 9.88 -5.04
C PHE A 49 -5.36 10.20 -6.40
N GLU A 50 -4.03 10.14 -6.49
CA GLU A 50 -3.35 10.25 -7.77
C GLU A 50 -2.20 9.26 -7.80
N ASP A 52 1.16 8.11 -10.51
CA ASP A 52 1.98 8.11 -11.72
C ASP A 52 2.83 6.85 -11.60
N PHE A 53 2.34 5.76 -12.18
CA PHE A 53 2.95 4.45 -11.97
C PHE A 53 4.16 4.24 -12.89
N ARG A 54 5.29 4.82 -12.48
CA ARG A 54 6.55 4.71 -13.21
C ARG A 54 7.66 4.99 -12.21
N VAL A 55 8.87 4.50 -12.49
CA VAL A 55 9.98 4.82 -11.61
C VAL A 55 10.16 6.34 -11.56
N GLY A 56 10.22 6.88 -10.34
CA GLY A 56 10.31 8.32 -10.10
C GLY A 56 8.95 8.99 -9.97
N GLY A 57 7.90 8.25 -10.32
CA GLY A 57 6.53 8.76 -10.24
C GLY A 57 6.01 8.81 -8.82
N LYS A 58 5.07 9.72 -8.58
CA LYS A 58 4.48 9.93 -7.27
C LYS A 58 3.08 9.33 -7.16
N GLU A 59 2.76 8.87 -5.96
CA GLU A 59 1.39 8.45 -5.63
C GLU A 59 0.99 9.16 -4.36
N VAL A 60 -0.21 9.71 -4.36
CA VAL A 60 -0.74 10.40 -3.18
C VAL A 60 -2.12 9.85 -2.85
N ASN A 61 -2.38 9.67 -1.55
CA ASN A 61 -3.68 9.27 -1.09
C ASN A 61 -3.94 9.96 0.24
N ALA A 62 -5.22 10.09 0.58
CA ALA A 62 -5.59 10.74 1.83
C ALA A 62 -6.69 9.95 2.51
N GLY A 63 -6.72 10.03 3.83
CA GLY A 63 -7.76 9.37 4.62
C GLY A 63 -7.67 9.87 6.05
N GLY A 64 -7.87 8.96 6.98
CA GLY A 64 -7.82 9.32 8.39
C GLY A 64 -9.20 9.60 8.95
N PRO A 65 -9.26 10.01 10.22
CA PRO A 65 -10.53 10.19 10.89
C PRO A 65 -11.41 11.20 10.18
N LYS A 66 -12.72 10.94 10.18
CA LYS A 66 -13.69 11.87 9.63
C LYS A 66 -13.46 13.26 10.21
N ASP A 67 -13.19 13.31 11.51
CA ASP A 67 -12.97 14.56 12.24
C ASP A 67 -11.58 15.17 12.07
N GLY A 68 -10.69 14.47 11.36
CA GLY A 68 -9.30 14.88 11.22
C GLY A 68 -8.46 14.36 12.37
N PRO A 69 -7.14 14.56 12.33
CA PRO A 69 -6.43 15.25 11.26
C PRO A 69 -6.32 14.39 10.00
N ILE A 70 -6.13 15.04 8.85
CA ILE A 70 -6.00 14.32 7.59
C ILE A 70 -4.71 13.49 7.58
N HIS A 71 -4.84 12.24 7.16
CA HIS A 71 -3.68 11.38 6.97
C HIS A 71 -3.33 11.42 5.51
N VAL A 72 -2.08 11.74 5.20
CA VAL A 72 -1.63 11.81 3.81
C VAL A 72 -0.48 10.85 3.57
N TYR A 73 -0.70 9.95 2.62
CA TYR A 73 0.26 8.96 2.16
C TYR A 73 0.90 9.47 0.88
N THR A 74 2.23 9.50 0.84
CA THR A 74 2.93 9.93 -0.37
C THR A 74 4.01 8.92 -0.70
N ALA A 75 3.88 8.27 -1.85
CA ALA A 75 4.87 7.27 -2.28
C ALA A 75 5.61 7.70 -3.53
N THR A 76 6.84 7.22 -3.67
CA THR A 76 7.65 7.43 -4.86
C THR A 76 8.13 6.07 -5.35
N TYR A 77 7.84 5.75 -6.60
CA TYR A 77 8.25 4.45 -7.15
C TYR A 77 9.75 4.41 -7.39
N GLN A 78 10.37 3.32 -6.94
CA GLN A 78 11.83 3.16 -7.01
C GLN A 78 12.28 2.08 -7.99
N ASP A 79 11.43 1.10 -8.22
CA ASP A 79 11.75 -0.02 -9.11
C ASP A 79 10.44 -0.68 -9.47
N ILE A 80 10.26 -0.98 -10.76
CA ILE A 80 9.05 -1.65 -11.23
C ILE A 80 9.45 -2.70 -12.26
N VAL A 81 9.08 -3.96 -12.00
CA VAL A 81 9.25 -5.02 -12.99
C VAL A 81 7.85 -5.53 -13.32
N PRO A 82 7.41 -5.37 -14.57
CA PRO A 82 6.04 -5.72 -14.93
C PRO A 82 5.63 -7.12 -14.45
N ASP A 83 4.49 -7.17 -13.78
CA ASP A 83 3.88 -8.41 -13.29
C ASP A 83 4.67 -9.13 -12.21
N GLN A 84 5.72 -8.48 -11.68
CA GLN A 84 6.61 -9.18 -10.76
C GLN A 84 7.02 -8.41 -9.51
N ARG A 85 7.33 -7.12 -9.63
CA ARG A 85 7.90 -6.39 -8.49
C ARG A 85 7.58 -4.92 -8.54
N ILE A 86 7.26 -4.39 -7.36
CA ILE A 86 7.09 -2.95 -7.16
C ILE A 86 7.83 -2.56 -5.89
N VAL A 87 8.77 -1.62 -6.00
CA VAL A 87 9.48 -1.06 -4.84
C VAL A 87 9.15 0.43 -4.79
N TYR A 88 8.74 0.88 -3.61
CA TYR A 88 8.38 2.29 -3.44
C TYR A 88 8.72 2.72 -2.03
N SER A 89 9.19 3.96 -1.91
CA SER A 89 9.32 4.58 -0.61
C SER A 89 8.07 5.38 -0.34
N TYR A 90 7.70 5.51 0.92
CA TYR A 90 6.57 6.37 1.26
C TYR A 90 6.69 6.98 2.63
N ASP A 91 6.09 8.15 2.77
CA ASP A 91 5.99 8.78 4.07
C ASP A 91 4.52 8.95 4.42
N LEU A 93 1.96 11.41 6.78
CA LEU A 93 1.76 12.63 7.57
C LEU A 93 0.39 12.57 8.20
N PHE A 94 0.34 12.80 9.51
CA PHE A 94 -0.96 12.99 10.18
C PHE A 94 -1.03 14.47 10.49
N GLY A 95 -1.95 15.19 9.83
CA GLY A 95 -1.91 16.65 9.86
C GLY A 95 -0.61 17.16 9.23
N GLU A 96 0.12 18.01 9.96
CA GLU A 96 1.36 18.58 9.42
C GLU A 96 2.59 17.79 9.86
N THR A 97 2.37 16.74 10.66
CA THR A 97 3.47 16.00 11.29
C THR A 97 3.82 14.71 10.57
N ARG A 98 5.10 14.56 10.27
CA ARG A 98 5.61 13.35 9.62
C ARG A 98 5.78 12.24 10.66
N ILE A 99 5.09 11.13 10.42
CA ILE A 99 4.98 10.05 11.38
C ILE A 99 6.02 8.95 11.09
N SER A 100 6.34 8.74 9.82
CA SER A 100 7.23 7.64 9.42
C SER A 100 7.66 7.81 8.00
N VAL A 101 8.76 7.13 7.67
CA VAL A 101 9.21 6.95 6.29
C VAL A 101 9.51 5.47 6.17
N SER A 102 9.09 4.87 5.05
CA SER A 102 9.28 3.42 4.84
C SER A 102 9.71 3.11 3.43
N LEU A 103 10.39 1.97 3.29
CA LEU A 103 10.68 1.40 1.99
C LEU A 103 9.87 0.11 1.87
N ALA A 104 8.99 0.07 0.88
CA ALA A 104 8.12 -1.10 0.68
C ALA A 104 8.47 -1.85 -0.60
N THR A 105 8.40 -3.18 -0.52
CA THR A 105 8.62 -4.04 -1.67
C THR A 105 7.43 -4.98 -1.79
N ILE A 106 6.85 -5.04 -2.98
CA ILE A 106 5.84 -6.06 -3.32
C ILE A 106 6.44 -6.97 -4.37
N GLN A 107 6.45 -8.27 -4.07
CA GLN A 107 6.86 -9.28 -5.05
C GLN A 107 5.68 -10.20 -5.31
N LEU A 108 5.51 -10.54 -6.60
CA LEU A 108 4.42 -11.40 -7.03
C LEU A 108 4.98 -12.70 -7.59
N PHE A 109 4.57 -13.80 -7.00
CA PHE A 109 4.98 -15.13 -7.45
C PHE A 109 3.75 -15.91 -7.89
N ALA A 110 3.92 -16.77 -8.87
CA ALA A 110 2.84 -17.67 -9.25
C ALA A 110 2.62 -18.69 -8.13
N GLU A 111 1.36 -18.96 -7.83
CA GLU A 111 1.00 -19.97 -6.85
C GLU A 111 -0.22 -20.67 -7.43
N GLY A 112 -0.01 -21.88 -7.93
CA GLY A 112 -1.05 -22.52 -8.72
C GLY A 112 -1.43 -21.60 -9.88
N GLU A 113 -2.72 -21.43 -10.11
CA GLU A 113 -3.21 -20.50 -11.13
C GLU A 113 -3.35 -19.08 -10.60
N GLY A 114 -3.01 -18.88 -9.33
CA GLY A 114 -3.09 -17.57 -8.71
C GLY A 114 -1.74 -16.97 -8.35
N THR A 115 -1.74 -16.18 -7.28
CA THR A 115 -0.61 -15.35 -6.91
C THR A 115 -0.28 -15.48 -5.43
N ARG A 116 1.00 -15.57 -5.13
CA ARG A 116 1.53 -15.37 -3.79
C ARG A 116 2.17 -13.99 -3.78
N LEU A 117 1.55 -13.07 -3.04
CA LEU A 117 2.07 -11.72 -2.90
C LEU A 117 2.85 -11.63 -1.60
N VAL A 118 4.06 -11.06 -1.70
CA VAL A 118 4.91 -10.86 -0.54
C VAL A 118 5.20 -9.38 -0.41
N LEU A 119 4.72 -8.79 0.68
CA LEU A 119 4.92 -7.38 0.93
C LEU A 119 5.85 -7.24 2.12
N THR A 120 6.97 -6.56 1.88
CA THR A 120 7.95 -6.29 2.94
C THR A 120 7.99 -4.80 3.15
N GLU A 121 7.86 -4.36 4.40
CA GLU A 121 8.00 -2.93 4.71
C GLU A 121 9.11 -2.73 5.71
N GLN A 122 10.07 -1.91 5.32
CA GLN A 122 11.19 -1.52 6.16
C GLN A 122 10.93 -0.09 6.58
N GLY A 123 10.56 0.09 7.86
CA GLY A 123 10.04 1.37 8.32
C GLY A 123 10.93 2.08 9.31
N ALA A 124 10.88 3.41 9.25
CA ALA A 124 11.52 4.29 10.22
C ALA A 124 10.41 5.12 10.86
N PHE A 125 10.11 4.82 12.12
CA PHE A 125 9.00 5.43 12.84
C PHE A 125 9.56 6.53 13.70
N LEU A 126 9.06 7.74 13.50
CA LEU A 126 9.69 8.94 14.03
C LEU A 126 9.05 9.44 15.31
N ASP A 127 9.90 9.65 16.32
CA ASP A 127 9.53 10.39 17.54
C ASP A 127 8.31 9.82 18.24
N GLY A 128 8.16 8.50 18.15
CA GLY A 128 7.10 7.78 18.84
C GLY A 128 5.73 8.03 18.26
N HIS A 129 5.65 8.61 17.08
CA HIS A 129 4.35 9.02 16.51
C HIS A 129 3.53 7.87 15.91
N ASP A 130 4.17 6.73 15.67
CA ASP A 130 3.47 5.51 15.25
C ASP A 130 4.36 4.34 15.63
N THR A 131 3.85 3.12 15.53
CA THR A 131 4.62 1.95 15.94
C THR A 131 4.58 0.87 14.87
N PRO A 132 5.63 0.02 14.84
CA PRO A 132 5.66 -1.13 13.93
C PRO A 132 4.39 -1.97 13.98
N SER A 133 3.91 -2.29 15.19
CA SER A 133 2.71 -3.14 15.33
C SER A 133 1.47 -2.51 14.69
N THR A 134 1.24 -1.24 14.95
CA THR A 134 0.10 -0.54 14.35
C THR A 134 0.20 -0.49 12.83
N ARG A 135 1.39 -0.19 12.31
CA ARG A 135 1.55 -0.15 10.87
C ARG A 135 1.29 -1.51 10.22
N GLU A 136 1.84 -2.57 10.81
CA GLU A 136 1.62 -3.92 10.28
C GLU A 136 0.13 -4.24 10.26
N HIS A 137 -0.56 -3.86 11.33
CA HIS A 137 -2.00 -4.05 11.37
C HIS A 137 -2.69 -3.33 10.22
N GLY A 138 -2.34 -2.06 10.01
CA GLY A 138 -2.93 -1.27 8.95
C GLY A 138 -2.65 -1.79 7.55
N THR A 139 -1.43 -2.24 7.31
CA THR A 139 -1.07 -2.81 6.01
C THR A 139 -1.85 -4.10 5.74
N GLY A 140 -2.09 -4.89 6.79
CA GLY A 140 -2.92 -6.08 6.67
C GLY A 140 -4.33 -5.71 6.23
N VAL A 141 -4.87 -4.65 6.83
CA VAL A 141 -6.19 -4.16 6.44
C VAL A 141 -6.23 -3.74 4.97
N LEU A 142 -5.18 -3.05 4.51
CA LEU A 142 -5.11 -2.66 3.10
C LEU A 142 -5.06 -3.88 2.15
N LEU A 143 -4.32 -4.92 2.52
CA LEU A 143 -4.28 -6.13 1.71
C LEU A 143 -5.61 -6.88 1.71
N ASP A 144 -6.37 -6.74 2.80
CA ASP A 144 -7.75 -7.24 2.84
C ASP A 144 -8.62 -6.48 1.83
N LEU A 145 -8.38 -5.17 1.68
CA LEU A 145 -9.11 -4.38 0.66
C LEU A 145 -8.75 -4.81 -0.75
N LEU A 146 -7.48 -5.09 -0.99
CA LEU A 146 -7.05 -5.65 -2.27
C LEU A 146 -7.74 -6.97 -2.57
N ASP A 147 -7.81 -7.85 -1.56
CA ASP A 147 -8.48 -9.15 -1.70
C ASP A 147 -9.94 -8.98 -2.14
N ALA A 148 -10.64 -8.09 -1.46
CA ALA A 148 -12.03 -7.84 -1.79
C ALA A 148 -12.18 -7.29 -3.22
N PHE A 149 -11.28 -6.40 -3.61
CA PHE A 149 -11.31 -5.81 -4.96
C PHE A 149 -11.08 -6.85 -6.04
N LEU A 150 -10.10 -7.73 -5.82
CA LEU A 150 -9.81 -8.76 -6.81
C LEU A 150 -10.99 -9.70 -6.98
N ASP A 151 -11.65 -10.04 -5.87
CA ASP A 151 -12.84 -10.90 -5.92
C ASP A 151 -13.94 -10.22 -6.72
N LYS A 152 -14.15 -8.92 -6.46
CA LYS A 152 -15.26 -8.22 -7.10
C LYS A 152 -15.00 -7.94 -8.58
N THR A 153 -13.74 -7.63 -8.91
CA THR A 153 -13.32 -7.38 -10.29
C THR A 153 -13.41 -8.62 -11.17
N THR A 154 -13.09 -9.78 -10.60
CA THR A 154 -13.18 -11.05 -11.33
C THR A 154 -14.60 -11.35 -11.83
N LEU A 155 -15.60 -10.84 -11.10
CA LEU A 155 -17.00 -11.06 -11.44
C LEU A 155 -17.53 -10.14 -12.53
N GLU A 156 -16.71 -9.18 -12.96
CA GLU A 156 -17.13 -8.23 -13.99
C GLU A 156 -17.14 -8.87 -15.38
N HIS A 157 -17.99 -8.34 -16.25
CA HIS A 157 -18.09 -8.78 -17.63
C HIS A 157 -16.83 -8.40 -18.42
#